data_6C28
#
_entry.id   6C28
#
_cell.length_a   53.854
_cell.length_b   104.006
_cell.length_c   128.801
_cell.angle_alpha   90.00
_cell.angle_beta   90.00
_cell.angle_gamma   90.00
#
_symmetry.space_group_name_H-M   'P 21 21 21'
#
loop_
_entity.id
_entity.type
_entity.pdbx_description
1 polymer 'Transcriptional regulator, MarR family'
2 non-polymer p-coumaroyl-CoA
3 water water
#
_entity_poly.entity_id   1
_entity_poly.type   'polypeptide(L)'
_entity_poly.pdbx_seq_one_letter_code
;SGSMTSSNRITSPAMTASKTAAVAKPTRAGRKAPAVETAPEASELKMGELSELLGYALKRAQLRVFEDFLHCVAPVQLTP
AQFSVLLLLDANPGRNQTEIATTLGILRPNFVAMLDALEGRGLCVRTRSPSDRRSHILMLTDKGRATLARAKKLVATRHE
DRLTELLGRDNRDALLSMLATIAREF
;
_entity_poly.pdbx_strand_id   A,B,C,D
#
loop_
_chem_comp.id
_chem_comp.type
_chem_comp.name
_chem_comp.formula
WCA non-polymer p-coumaroyl-CoA 'C30 H42 N7 O18 P3 S'
#
# COMPACT_ATOMS: atom_id res chain seq x y z
N GLU A 44 14.25 -1.95 -19.31
CA GLU A 44 13.51 -3.20 -19.03
C GLU A 44 12.62 -3.59 -20.16
N LEU A 45 12.90 -3.14 -21.39
CA LEU A 45 11.96 -3.37 -22.50
C LEU A 45 11.32 -4.80 -22.44
N LYS A 46 12.07 -5.89 -22.20
CA LYS A 46 11.45 -7.27 -22.31
C LYS A 46 10.64 -7.75 -21.10
N MET A 47 9.34 -7.92 -21.29
CA MET A 47 8.43 -8.27 -20.19
C MET A 47 8.29 -9.76 -19.90
N GLY A 48 8.71 -10.64 -20.79
CA GLY A 48 8.60 -12.08 -20.52
C GLY A 48 7.19 -12.59 -20.19
N GLU A 49 7.10 -13.48 -19.18
CA GLU A 49 5.81 -14.05 -18.76
C GLU A 49 4.84 -12.99 -18.24
N LEU A 50 5.34 -11.88 -17.69
CA LEU A 50 4.48 -10.79 -17.07
C LEU A 50 3.35 -10.35 -17.98
N SER A 51 3.60 -10.23 -19.29
CA SER A 51 2.58 -9.83 -20.28
C SER A 51 1.41 -10.82 -20.45
N GLU A 52 1.58 -12.05 -19.99
CA GLU A 52 0.53 -13.04 -20.10
C GLU A 52 -0.02 -13.45 -18.72
N LEU A 53 0.43 -12.79 -17.63
CA LEU A 53 -0.15 -13.02 -16.28
C LEU A 53 -1.31 -12.04 -15.98
N LEU A 54 -2.43 -12.65 -15.64
CA LEU A 54 -3.69 -11.98 -15.45
C LEU A 54 -3.53 -11.04 -14.25
N GLY A 55 -2.83 -11.47 -13.18
CA GLY A 55 -2.64 -10.61 -12.03
C GLY A 55 -1.81 -9.36 -12.29
N TYR A 56 -0.86 -9.48 -13.20
CA TYR A 56 -0.06 -8.34 -13.52
C TYR A 56 -0.88 -7.24 -14.22
N ALA A 57 -1.60 -7.67 -15.26
CA ALA A 57 -2.44 -6.77 -16.04
C ALA A 57 -3.52 -6.10 -15.15
N LEU A 58 -4.08 -6.91 -14.28
CA LEU A 58 -5.05 -6.49 -13.31
C LEU A 58 -4.45 -5.43 -12.41
N LYS A 59 -3.24 -5.66 -11.94
CA LYS A 59 -2.57 -4.62 -11.12
C LYS A 59 -2.25 -3.35 -11.89
N ARG A 60 -1.82 -3.44 -13.12
CA ARG A 60 -1.54 -2.23 -13.86
C ARG A 60 -2.78 -1.44 -14.24
N ALA A 61 -3.87 -2.14 -14.49
CA ALA A 61 -5.11 -1.50 -14.78
C ALA A 61 -5.55 -0.74 -13.49
N GLN A 62 -5.55 -1.48 -12.35
CA GLN A 62 -6.01 -0.92 -11.06
C GLN A 62 -5.22 0.37 -10.71
N LEU A 63 -3.92 0.30 -10.86
CA LEU A 63 -3.07 1.42 -10.62
C LEU A 63 -3.47 2.62 -11.46
N ARG A 64 -3.72 2.41 -12.72
CA ARG A 64 -4.06 3.45 -13.63
C ARG A 64 -5.44 4.10 -13.31
N VAL A 65 -6.42 3.27 -12.98
CA VAL A 65 -7.75 3.75 -12.61
C VAL A 65 -7.68 4.58 -11.29
N PHE A 66 -6.90 4.10 -10.31
CA PHE A 66 -6.68 4.84 -9.08
C PHE A 66 -6.03 6.22 -9.34
N GLU A 67 -4.99 6.25 -10.15
CA GLU A 67 -4.31 7.51 -10.44
C GLU A 67 -5.29 8.55 -11.05
N ASP A 68 -6.06 8.07 -12.02
CA ASP A 68 -7.06 8.88 -12.68
C ASP A 68 -8.14 9.34 -11.69
N PHE A 69 -8.58 8.42 -10.82
CA PHE A 69 -9.49 8.76 -9.72
C PHE A 69 -8.93 9.90 -8.90
N LEU A 70 -7.68 9.80 -8.49
CA LEU A 70 -7.10 10.86 -7.68
C LEU A 70 -7.16 12.22 -8.36
N HIS A 71 -6.78 12.23 -9.65
CA HIS A 71 -6.82 13.45 -10.46
C HIS A 71 -8.24 14.02 -10.56
N CYS A 72 -9.21 13.16 -10.89
CA CYS A 72 -10.55 13.62 -11.15
C CYS A 72 -11.22 14.10 -9.90
N VAL A 73 -10.92 13.48 -8.73
CA VAL A 73 -11.61 13.78 -7.48
C VAL A 73 -10.80 14.81 -6.63
N ALA A 74 -9.68 15.29 -7.15
CA ALA A 74 -8.83 16.20 -6.43
C ALA A 74 -9.50 17.45 -5.85
N PRO A 75 -10.57 18.02 -6.49
CA PRO A 75 -11.22 19.20 -5.93
C PRO A 75 -11.69 18.96 -4.53
N VAL A 76 -12.09 17.73 -4.18
CA VAL A 76 -12.49 17.47 -2.76
C VAL A 76 -11.51 16.59 -1.98
N GLN A 77 -10.36 16.29 -2.60
CA GLN A 77 -9.26 15.58 -1.94
C GLN A 77 -9.69 14.22 -1.28
N LEU A 78 -10.13 13.27 -2.09
CA LEU A 78 -10.43 11.92 -1.59
C LEU A 78 -9.63 10.90 -2.36
N THR A 79 -9.10 9.92 -1.64
CA THR A 79 -8.60 8.71 -2.28
C THR A 79 -9.77 7.80 -2.57
N PRO A 80 -9.56 6.77 -3.38
CA PRO A 80 -10.66 5.82 -3.60
C PRO A 80 -11.19 5.15 -2.32
N ALA A 81 -10.30 4.77 -1.42
CA ALA A 81 -10.74 4.18 -0.16
C ALA A 81 -11.48 5.18 0.74
N GLN A 82 -11.04 6.41 0.78
CA GLN A 82 -11.67 7.45 1.56
C GLN A 82 -13.10 7.68 1.07
N PHE A 83 -13.22 7.83 -0.25
CA PHE A 83 -14.53 7.90 -0.91
C PHE A 83 -15.43 6.72 -0.58
N SER A 84 -14.88 5.50 -0.59
CA SER A 84 -15.64 4.34 -0.32
C SER A 84 -16.13 4.32 1.14
N VAL A 85 -15.28 4.70 2.07
CA VAL A 85 -15.67 4.81 3.51
C VAL A 85 -16.83 5.84 3.67
N LEU A 86 -16.73 7.01 3.07
CA LEU A 86 -17.76 8.00 3.29
C LEU A 86 -19.06 7.51 2.71
N LEU A 87 -18.95 6.79 1.60
CA LEU A 87 -20.11 6.29 0.90
C LEU A 87 -20.82 5.22 1.67
N LEU A 88 -20.09 4.24 2.21
CA LEU A 88 -20.71 3.25 3.06
C LEU A 88 -21.36 3.83 4.33
N LEU A 89 -20.73 4.83 4.94
CA LEU A 89 -21.26 5.49 6.12
C LEU A 89 -22.63 6.17 5.86
N ASP A 90 -22.73 6.91 4.77
CA ASP A 90 -23.98 7.52 4.30
C ASP A 90 -25.04 6.45 4.06
N ALA A 91 -24.68 5.35 3.41
CA ALA A 91 -25.65 4.30 3.13
C ALA A 91 -26.00 3.39 4.28
N ASN A 92 -25.12 3.30 5.28
CA ASN A 92 -25.32 2.40 6.36
C ASN A 92 -25.09 3.15 7.68
N PRO A 93 -26.04 3.98 8.09
CA PRO A 93 -25.85 4.62 9.41
C PRO A 93 -25.74 3.65 10.57
N GLY A 94 -25.02 4.03 11.61
CA GLY A 94 -25.02 3.29 12.91
C GLY A 94 -24.11 2.07 12.90
N ARG A 95 -23.21 1.99 11.94
CA ARG A 95 -22.30 0.83 11.90
C ARG A 95 -21.02 1.13 12.64
N ASN A 96 -20.34 0.09 13.11
CA ASN A 96 -19.07 0.28 13.82
C ASN A 96 -17.87 0.21 12.84
N GLN A 97 -16.70 0.53 13.39
CA GLN A 97 -15.41 0.37 12.69
C GLN A 97 -15.23 -0.94 11.99
N THR A 98 -15.56 -2.03 12.66
CA THR A 98 -15.20 -3.37 12.18
C THR A 98 -16.02 -3.74 10.99
N GLU A 99 -17.30 -3.37 11.03
CA GLU A 99 -18.19 -3.72 9.93
C GLU A 99 -17.75 -3.00 8.64
N ILE A 100 -17.35 -1.74 8.73
CA ILE A 100 -16.98 -0.98 7.55
C ILE A 100 -15.64 -1.54 7.00
N ALA A 101 -14.69 -1.70 7.90
CA ALA A 101 -13.37 -2.21 7.56
C ALA A 101 -13.47 -3.60 6.96
N THR A 102 -14.25 -4.48 7.56
CA THR A 102 -14.41 -5.81 6.96
C THR A 102 -15.15 -5.78 5.64
N THR A 103 -16.14 -4.93 5.47
CA THR A 103 -16.84 -4.86 4.20
C THR A 103 -15.88 -4.42 3.11
N LEU A 104 -15.00 -3.47 3.40
CA LEU A 104 -14.09 -2.97 2.43
C LEU A 104 -12.73 -3.73 2.32
N GLY A 105 -12.49 -4.78 3.10
CA GLY A 105 -11.22 -5.53 3.05
C GLY A 105 -10.04 -4.71 3.53
N ILE A 106 -10.22 -3.97 4.60
CA ILE A 106 -9.16 -3.17 5.14
C ILE A 106 -8.86 -3.78 6.48
N LEU A 107 -7.58 -4.00 6.78
CA LEU A 107 -7.18 -4.46 8.12
C LEU A 107 -7.34 -3.33 9.16
N ARG A 108 -7.47 -3.75 10.39
CA ARG A 108 -7.83 -2.90 11.48
C ARG A 108 -6.85 -1.76 11.69
N PRO A 109 -5.55 -2.03 11.88
CA PRO A 109 -4.65 -0.88 12.13
C PRO A 109 -4.67 0.18 10.96
N ASN A 110 -4.78 -0.29 9.75
CA ASN A 110 -4.86 0.59 8.57
C ASN A 110 -6.17 1.40 8.64
N PHE A 111 -7.23 0.76 9.08
CA PHE A 111 -8.51 1.43 9.16
C PHE A 111 -8.52 2.49 10.24
N VAL A 112 -7.87 2.20 11.36
CA VAL A 112 -7.73 3.16 12.42
C VAL A 112 -7.02 4.40 11.88
N ALA A 113 -5.95 4.20 11.13
CA ALA A 113 -5.21 5.37 10.64
C ALA A 113 -6.06 6.18 9.66
N MET A 114 -6.78 5.51 8.79
CA MET A 114 -7.62 6.24 7.87
C MET A 114 -8.78 6.93 8.60
N LEU A 115 -9.35 6.34 9.67
CA LEU A 115 -10.33 7.09 10.46
C LEU A 115 -9.74 8.29 11.11
N ASP A 116 -8.50 8.19 11.58
CA ASP A 116 -7.89 9.38 12.24
C ASP A 116 -7.78 10.53 11.26
N ALA A 117 -7.46 10.23 10.00
CA ALA A 117 -7.40 11.31 8.97
C ALA A 117 -8.83 11.81 8.64
N LEU A 118 -9.81 10.92 8.47
CA LEU A 118 -11.17 11.36 8.14
C LEU A 118 -11.82 12.17 9.31
N GLU A 119 -11.57 11.73 10.52
CA GLU A 119 -12.08 12.46 11.72
C GLU A 119 -11.30 13.77 11.90
N GLY A 120 -9.98 13.74 11.74
CA GLY A 120 -9.21 14.99 11.74
C GLY A 120 -9.65 16.03 10.70
N ARG A 121 -10.14 15.57 9.55
CA ARG A 121 -10.70 16.48 8.54
C ARG A 121 -12.19 16.94 8.77
N GLY A 122 -12.81 16.53 9.87
CA GLY A 122 -14.22 16.78 10.11
C GLY A 122 -15.23 16.11 9.19
N LEU A 123 -14.83 15.01 8.56
CA LEU A 123 -15.74 14.34 7.58
C LEU A 123 -16.62 13.29 8.24
N CYS A 124 -16.15 12.77 9.37
CA CYS A 124 -16.89 11.78 10.15
C CYS A 124 -16.46 11.85 11.61
N VAL A 125 -17.23 11.18 12.45
CA VAL A 125 -16.97 11.13 13.89
C VAL A 125 -17.18 9.69 14.36
N ARG A 126 -16.27 9.28 15.24
CA ARG A 126 -16.31 8.02 15.94
C ARG A 126 -17.16 8.42 17.11
N THR A 127 -18.34 7.86 17.26
CA THR A 127 -19.22 8.36 18.32
C THR A 127 -19.91 7.20 19.04
N ARG A 128 -20.99 7.53 19.75
CA ARG A 128 -21.86 6.56 20.46
C ARG A 128 -23.27 6.73 19.95
N SER A 129 -24.05 5.69 20.09
CA SER A 129 -25.42 5.63 19.61
C SER A 129 -26.44 6.22 20.57
N ARG A 134 -21.95 1.72 24.97
CA ARG A 134 -21.21 0.46 25.07
C ARG A 134 -20.75 0.08 23.68
N SER A 135 -21.57 0.52 22.74
CA SER A 135 -21.53 0.53 21.26
C SER A 135 -21.02 1.87 20.61
N HIS A 136 -19.81 1.80 20.07
CA HIS A 136 -19.20 2.84 19.22
C HIS A 136 -19.67 2.75 17.74
N ILE A 137 -20.15 3.86 17.21
CA ILE A 137 -20.59 3.87 15.81
C ILE A 137 -19.79 4.89 15.05
N LEU A 138 -19.89 4.84 13.72
CA LEU A 138 -19.34 5.90 12.90
C LEU A 138 -20.47 6.68 12.29
N MET A 139 -20.28 7.98 12.15
CA MET A 139 -21.30 8.84 11.53
C MET A 139 -20.66 9.87 10.62
N LEU A 140 -21.26 10.14 9.46
CA LEU A 140 -20.83 11.21 8.60
C LEU A 140 -21.24 12.53 9.23
N THR A 141 -20.44 13.61 9.06
CA THR A 141 -20.85 14.96 9.41
C THR A 141 -21.54 15.61 8.25
N ASP A 142 -22.04 16.81 8.47
CA ASP A 142 -22.59 17.59 7.37
C ASP A 142 -21.51 17.87 6.30
N LYS A 143 -20.30 18.20 6.73
CA LYS A 143 -19.18 18.41 5.84
C LYS A 143 -18.88 17.13 5.02
N GLY A 144 -18.97 16.00 5.70
CA GLY A 144 -18.80 14.70 5.08
C GLY A 144 -19.81 14.48 3.98
N ARG A 145 -21.06 14.84 4.26
CA ARG A 145 -22.18 14.64 3.29
C ARG A 145 -22.00 15.50 2.10
N ALA A 146 -21.59 16.74 2.30
CA ALA A 146 -21.36 17.66 1.20
C ALA A 146 -20.17 17.23 0.33
N THR A 147 -19.07 16.85 0.98
CA THR A 147 -17.94 16.37 0.16
C THR A 147 -18.25 15.06 -0.59
N LEU A 148 -18.96 14.15 0.03
CA LEU A 148 -19.39 12.97 -0.62
C LEU A 148 -20.27 13.25 -1.85
N ALA A 149 -21.25 14.13 -1.69
CA ALA A 149 -22.17 14.45 -2.82
C ALA A 149 -21.39 14.97 -4.00
N ARG A 150 -20.44 15.84 -3.72
CA ARG A 150 -19.66 16.38 -4.78
C ARG A 150 -18.76 15.31 -5.39
N ALA A 151 -18.21 14.44 -4.56
CA ALA A 151 -17.36 13.34 -5.07
C ALA A 151 -18.11 12.43 -6.01
N LYS A 152 -19.32 12.08 -5.63
CA LYS A 152 -20.12 11.20 -6.47
C LYS A 152 -20.27 11.72 -7.89
N LYS A 153 -20.46 13.03 -7.99
CA LYS A 153 -20.65 13.70 -9.31
C LYS A 153 -19.34 13.74 -10.07
N LEU A 154 -18.25 14.02 -9.37
CA LEU A 154 -16.94 13.99 -10.04
C LEU A 154 -16.63 12.55 -10.47
N VAL A 155 -16.84 11.56 -9.62
CA VAL A 155 -16.51 10.18 -10.02
C VAL A 155 -17.33 9.83 -11.27
N ALA A 156 -18.65 10.01 -11.25
CA ALA A 156 -19.54 9.50 -12.37
C ALA A 156 -19.22 10.15 -13.73
N THR A 157 -19.24 11.47 -13.73
CA THR A 157 -19.12 12.35 -14.86
C THR A 157 -17.69 12.49 -15.36
N ARG A 158 -16.74 12.58 -14.49
CA ARG A 158 -15.41 12.79 -14.96
C ARG A 158 -14.59 11.52 -15.05
N HIS A 159 -14.89 10.56 -14.21
CA HIS A 159 -14.01 9.37 -14.07
C HIS A 159 -14.65 8.18 -14.76
N GLU A 160 -15.74 7.71 -14.18
CA GLU A 160 -16.42 6.52 -14.69
C GLU A 160 -16.90 6.61 -16.13
N ASP A 161 -17.53 7.72 -16.49
CA ASP A 161 -18.04 7.88 -17.87
C ASP A 161 -16.93 7.76 -18.89
N ARG A 162 -15.80 8.37 -18.62
CA ARG A 162 -14.69 8.33 -19.51
C ARG A 162 -14.17 6.91 -19.69
N LEU A 163 -14.15 6.14 -18.62
CA LEU A 163 -13.69 4.76 -18.66
C LEU A 163 -14.68 3.90 -19.45
N THR A 164 -15.97 4.15 -19.22
CA THR A 164 -17.01 3.39 -19.92
C THR A 164 -16.94 3.65 -21.42
N GLU A 165 -16.81 4.92 -21.79
CA GLU A 165 -16.62 5.31 -23.19
C GLU A 165 -15.32 4.77 -23.80
N LEU A 166 -14.25 4.69 -23.03
CA LEU A 166 -13.00 4.15 -23.55
C LEU A 166 -13.18 2.69 -23.99
N LEU A 167 -13.87 1.94 -23.15
CA LEU A 167 -14.09 0.54 -23.42
C LEU A 167 -15.38 0.57 -24.19
N GLY A 168 -15.82 -0.53 -24.73
CA GLY A 168 -17.25 -0.43 -25.12
C GLY A 168 -18.21 -0.38 -23.92
N ARG A 169 -19.39 0.23 -24.04
CA ARG A 169 -20.43 0.03 -23.01
C ARG A 169 -20.67 -1.47 -22.67
N ASP A 170 -20.84 -2.31 -23.69
CA ASP A 170 -21.00 -3.75 -23.49
C ASP A 170 -19.73 -4.42 -22.96
N ASN A 171 -18.57 -3.94 -23.36
CA ASN A 171 -17.31 -4.54 -22.91
C ASN A 171 -17.10 -4.22 -21.42
N ARG A 172 -17.47 -2.99 -21.04
CA ARG A 172 -17.42 -2.54 -19.67
C ARG A 172 -18.25 -3.39 -18.78
N ASP A 173 -19.49 -3.64 -19.20
CA ASP A 173 -20.37 -4.49 -18.40
C ASP A 173 -19.84 -5.91 -18.31
N ALA A 174 -19.20 -6.41 -19.37
CA ALA A 174 -18.56 -7.72 -19.32
C ALA A 174 -17.38 -7.75 -18.34
N LEU A 175 -16.56 -6.71 -18.40
CA LEU A 175 -15.41 -6.56 -17.53
C LEU A 175 -15.88 -6.53 -16.05
N LEU A 176 -16.89 -5.72 -15.76
CA LEU A 176 -17.45 -5.59 -14.39
C LEU A 176 -17.82 -6.95 -13.85
N SER A 177 -18.53 -7.75 -14.65
CA SER A 177 -19.02 -9.04 -14.14
C SER A 177 -17.90 -10.13 -13.99
N MET A 178 -16.93 -10.18 -14.89
CA MET A 178 -15.73 -11.03 -14.66
C MET A 178 -14.93 -10.63 -13.38
N LEU A 179 -14.76 -9.33 -13.17
CA LEU A 179 -14.06 -8.80 -11.99
C LEU A 179 -14.81 -9.19 -10.70
N ALA A 180 -16.13 -9.15 -10.76
CA ALA A 180 -16.98 -9.50 -9.62
C ALA A 180 -16.84 -10.94 -9.36
N THR A 181 -16.78 -11.71 -10.44
CA THR A 181 -16.56 -13.14 -10.32
C THR A 181 -15.19 -13.47 -9.67
N ILE A 182 -14.12 -12.77 -10.05
CA ILE A 182 -12.84 -13.06 -9.38
C ILE A 182 -12.93 -12.77 -7.85
N ALA A 183 -13.48 -11.62 -7.52
CA ALA A 183 -13.66 -11.17 -6.17
C ALA A 183 -14.48 -12.17 -5.36
N ARG A 184 -15.54 -12.70 -5.95
CA ARG A 184 -16.49 -13.55 -5.20
C ARG A 184 -16.01 -14.98 -5.06
N GLU A 185 -15.37 -15.51 -6.10
CA GLU A 185 -15.28 -16.95 -6.28
C GLU A 185 -13.88 -17.49 -6.33
N PHE A 186 -12.88 -16.66 -6.65
CA PHE A 186 -11.53 -17.18 -6.71
C PHE A 186 -11.03 -17.41 -5.28
N GLU B 44 8.53 -46.03 -5.71
CA GLU B 44 9.19 -46.30 -4.42
C GLU B 44 8.13 -46.56 -3.39
N LEU B 45 7.16 -47.38 -3.72
CA LEU B 45 5.99 -47.44 -2.88
C LEU B 45 6.40 -48.17 -1.55
N LYS B 46 7.28 -49.20 -1.54
CA LYS B 46 7.62 -49.91 -0.26
C LYS B 46 8.59 -49.13 0.64
N MET B 47 8.18 -48.87 1.87
CA MET B 47 8.95 -48.03 2.80
C MET B 47 9.97 -48.82 3.63
N GLY B 48 9.91 -50.14 3.64
CA GLY B 48 10.80 -50.93 4.52
C GLY B 48 10.76 -50.45 5.94
N GLU B 49 11.92 -50.43 6.55
CA GLU B 49 12.08 -50.01 7.94
C GLU B 49 11.73 -48.55 8.19
N LEU B 50 11.72 -47.71 7.14
CA LEU B 50 11.40 -46.28 7.28
C LEU B 50 10.10 -46.04 7.98
N SER B 51 9.10 -46.86 7.69
CA SER B 51 7.77 -46.61 8.29
C SER B 51 7.72 -47.08 9.76
N GLU B 52 8.81 -47.64 10.29
CA GLU B 52 8.92 -47.99 11.72
C GLU B 52 9.94 -47.12 12.47
N LEU B 53 10.52 -46.13 11.80
CA LEU B 53 11.59 -45.31 12.40
C LEU B 53 11.03 -44.00 12.79
N LEU B 54 11.20 -43.67 14.07
CA LEU B 54 10.62 -42.47 14.65
C LEU B 54 11.15 -41.21 13.95
N GLY B 55 12.43 -41.19 13.61
CA GLY B 55 13.08 -39.99 13.06
C GLY B 55 12.47 -39.62 11.72
N TYR B 56 12.03 -40.66 10.96
CA TYR B 56 11.50 -40.47 9.64
C TYR B 56 10.14 -39.80 9.78
N ALA B 57 9.35 -40.32 10.68
CA ALA B 57 8.02 -39.83 10.86
C ALA B 57 8.06 -38.43 11.43
N LEU B 58 8.94 -38.22 12.37
CA LEU B 58 9.20 -36.90 12.92
C LEU B 58 9.58 -35.87 11.81
N LYS B 59 10.52 -36.25 10.96
CA LYS B 59 10.88 -35.39 9.86
C LYS B 59 9.74 -35.13 8.92
N ARG B 60 8.97 -36.13 8.54
CA ARG B 60 7.85 -35.91 7.63
C ARG B 60 6.73 -35.05 8.21
N ALA B 61 6.42 -35.22 9.48
CA ALA B 61 5.49 -34.37 10.14
C ALA B 61 6.00 -32.92 10.22
N GLN B 62 7.29 -32.77 10.57
CA GLN B 62 7.93 -31.47 10.63
C GLN B 62 7.84 -30.71 9.29
N LEU B 63 8.13 -31.39 8.21
CA LEU B 63 8.04 -30.86 6.87
C LEU B 63 6.62 -30.41 6.52
N ARG B 64 5.65 -31.22 6.86
CA ARG B 64 4.28 -30.88 6.57
C ARG B 64 3.78 -29.69 7.38
N VAL B 65 4.20 -29.59 8.62
CA VAL B 65 3.73 -28.51 9.45
C VAL B 65 4.33 -27.19 8.94
N PHE B 66 5.62 -27.22 8.60
CA PHE B 66 6.33 -26.05 7.99
C PHE B 66 5.64 -25.56 6.73
N GLU B 67 5.31 -26.47 5.84
CA GLU B 67 4.66 -26.11 4.58
C GLU B 67 3.31 -25.42 4.86
N ASP B 68 2.51 -25.99 5.73
CA ASP B 68 1.29 -25.35 6.16
C ASP B 68 1.53 -23.98 6.83
N PHE B 69 2.52 -23.87 7.72
CA PHE B 69 2.88 -22.61 8.33
C PHE B 69 3.11 -21.58 7.24
N LEU B 70 3.94 -21.95 6.28
CA LEU B 70 4.33 -21.02 5.25
C LEU B 70 3.10 -20.48 4.50
N HIS B 71 2.16 -21.38 4.18
CA HIS B 71 0.93 -20.99 3.48
C HIS B 71 0.06 -20.12 4.40
N CYS B 72 -0.11 -20.50 5.66
CA CYS B 72 -1.00 -19.74 6.50
C CYS B 72 -0.49 -18.35 6.78
N VAL B 73 0.86 -18.22 6.85
CA VAL B 73 1.50 -16.95 7.27
C VAL B 73 1.95 -16.14 6.04
N ALA B 74 1.68 -16.67 4.85
CA ALA B 74 2.07 -15.97 3.67
C ALA B 74 1.58 -14.50 3.54
N PRO B 75 0.38 -14.15 4.02
CA PRO B 75 0.12 -12.73 3.90
C PRO B 75 1.22 -11.80 4.50
N VAL B 76 1.97 -12.22 5.54
CA VAL B 76 3.09 -11.40 6.07
C VAL B 76 4.49 -11.96 5.80
N GLN B 77 4.55 -13.03 5.00
CA GLN B 77 5.81 -13.53 4.45
C GLN B 77 6.86 -13.80 5.52
N LEU B 78 6.56 -14.72 6.45
CA LEU B 78 7.55 -15.23 7.39
C LEU B 78 7.72 -16.70 7.28
N THR B 79 8.97 -17.14 7.38
CA THR B 79 9.22 -18.57 7.66
C THR B 79 9.07 -18.80 9.16
N PRO B 80 8.92 -20.06 9.59
CA PRO B 80 8.84 -20.37 10.98
C PRO B 80 10.00 -19.76 11.79
N ALA B 81 11.22 -19.81 11.24
CA ALA B 81 12.40 -19.33 11.97
C ALA B 81 12.40 -17.79 12.03
N GLN B 82 12.02 -17.19 10.93
CA GLN B 82 11.82 -15.73 10.91
C GLN B 82 10.81 -15.30 11.97
N PHE B 83 9.66 -15.97 12.01
CA PHE B 83 8.65 -15.73 13.04
C PHE B 83 9.20 -15.97 14.42
N SER B 84 10.03 -17.00 14.60
CA SER B 84 10.46 -17.30 15.94
C SER B 84 11.43 -16.24 16.47
N VAL B 85 12.28 -15.74 15.59
CA VAL B 85 13.26 -14.78 15.94
C VAL B 85 12.56 -13.48 16.33
N LEU B 86 11.66 -12.98 15.49
CA LEU B 86 10.94 -11.77 15.79
C LEU B 86 10.22 -11.91 17.10
N LEU B 87 9.61 -13.08 17.30
CA LEU B 87 8.90 -13.35 18.51
C LEU B 87 9.85 -13.35 19.73
N LEU B 88 11.05 -13.92 19.61
CA LEU B 88 12.00 -13.86 20.69
C LEU B 88 12.49 -12.46 20.95
N LEU B 89 12.68 -11.68 19.89
CA LEU B 89 13.14 -10.32 20.05
C LEU B 89 12.14 -9.44 20.82
N ASP B 90 10.87 -9.55 20.47
CA ASP B 90 9.85 -8.74 21.10
C ASP B 90 9.70 -9.15 22.59
N ALA B 91 9.81 -10.44 22.90
CA ALA B 91 9.67 -10.91 24.27
C ALA B 91 10.96 -10.72 25.14
N ASN B 92 12.11 -10.54 24.53
CA ASN B 92 13.39 -10.43 25.23
C ASN B 92 14.19 -9.28 24.62
N PRO B 93 13.83 -8.04 24.90
CA PRO B 93 14.57 -6.89 24.32
C PRO B 93 15.99 -6.73 24.85
N GLY B 94 16.88 -6.16 24.03
CA GLY B 94 18.28 -5.92 24.47
C GLY B 94 19.22 -7.12 24.45
N ARG B 95 18.79 -8.24 23.89
CA ARG B 95 19.66 -9.41 23.82
C ARG B 95 20.54 -9.32 22.62
N ASN B 96 21.66 -10.02 22.71
CA ASN B 96 22.59 -10.04 21.59
C ASN B 96 22.27 -11.18 20.62
N GLN B 97 22.93 -11.12 19.47
CA GLN B 97 22.78 -12.06 18.37
C GLN B 97 23.14 -13.47 18.71
N THR B 98 23.89 -13.68 19.79
CA THR B 98 24.33 -14.99 20.19
C THR B 98 23.26 -15.62 21.06
N GLU B 99 22.64 -14.85 21.93
CA GLU B 99 21.67 -15.44 22.82
C GLU B 99 20.44 -15.94 22.02
N ILE B 100 20.05 -15.16 21.03
CA ILE B 100 18.91 -15.51 20.21
C ILE B 100 19.21 -16.76 19.40
N ALA B 101 20.30 -16.76 18.65
CA ALA B 101 20.70 -17.93 17.83
C ALA B 101 20.87 -19.23 18.67
N THR B 102 21.48 -19.11 19.84
CA THR B 102 21.74 -20.28 20.65
C THR B 102 20.42 -20.78 21.21
N THR B 103 19.56 -19.87 21.67
CA THR B 103 18.28 -20.34 22.16
C THR B 103 17.43 -21.05 21.07
N LEU B 104 17.55 -20.66 19.82
CA LEU B 104 16.80 -21.28 18.71
C LEU B 104 17.58 -22.37 17.94
N GLY B 105 18.78 -22.72 18.40
CA GLY B 105 19.66 -23.74 17.78
C GLY B 105 20.03 -23.42 16.34
N ILE B 106 20.34 -22.17 16.10
CA ILE B 106 20.74 -21.73 14.78
C ILE B 106 22.25 -21.43 14.86
N LEU B 107 23.01 -21.85 13.87
CA LEU B 107 24.46 -21.62 13.85
C LEU B 107 24.83 -20.22 13.41
N ARG B 108 25.99 -19.73 13.83
CA ARG B 108 26.43 -18.35 13.54
C ARG B 108 26.29 -17.85 12.10
N PRO B 109 27.00 -18.44 11.13
CA PRO B 109 26.84 -17.86 9.80
C PRO B 109 25.39 -17.97 9.26
N ASN B 110 24.65 -19.00 9.64
CA ASN B 110 23.24 -19.10 9.26
C ASN B 110 22.39 -17.90 9.87
N PHE B 111 22.63 -17.61 11.14
CA PHE B 111 21.93 -16.57 11.86
C PHE B 111 22.19 -15.20 11.28
N VAL B 112 23.45 -14.98 10.96
CA VAL B 112 23.90 -13.76 10.30
C VAL B 112 23.15 -13.58 9.01
N ALA B 113 23.05 -14.63 8.17
CA ALA B 113 22.36 -14.50 6.89
C ALA B 113 20.92 -14.14 7.12
N MET B 114 20.29 -14.72 8.14
CA MET B 114 18.88 -14.48 8.38
C MET B 114 18.68 -13.08 8.95
N LEU B 115 19.65 -12.59 9.72
CA LEU B 115 19.59 -11.20 10.19
C LEU B 115 19.72 -10.20 9.08
N ASP B 116 20.56 -10.52 8.09
CA ASP B 116 20.67 -9.70 6.88
C ASP B 116 19.34 -9.55 6.16
N ALA B 117 18.57 -10.64 6.06
CA ALA B 117 17.26 -10.56 5.44
C ALA B 117 16.24 -9.74 6.32
N LEU B 118 16.12 -10.05 7.60
CA LEU B 118 15.20 -9.37 8.44
C LEU B 118 15.52 -7.86 8.52
N GLU B 119 16.81 -7.53 8.57
CA GLU B 119 17.21 -6.14 8.70
C GLU B 119 17.02 -5.38 7.40
N GLY B 120 17.30 -6.02 6.26
CA GLY B 120 17.02 -5.47 4.93
C GLY B 120 15.54 -5.23 4.62
N ARG B 121 14.67 -6.06 5.20
CA ARG B 121 13.23 -5.87 5.18
C ARG B 121 12.73 -4.79 6.17
N GLY B 122 13.61 -4.18 6.97
CA GLY B 122 13.24 -3.20 7.98
C GLY B 122 12.51 -3.78 9.19
N LEU B 123 12.70 -5.08 9.50
CA LEU B 123 11.89 -5.68 10.61
C LEU B 123 12.56 -5.60 11.99
N CYS B 124 13.89 -5.58 12.01
CA CYS B 124 14.67 -5.38 13.20
C CYS B 124 15.93 -4.56 12.88
N VAL B 125 16.63 -4.16 13.92
CA VAL B 125 17.83 -3.32 13.80
C VAL B 125 18.95 -3.90 14.69
N ARG B 126 20.18 -3.89 14.20
CA ARG B 126 21.37 -4.18 15.02
C ARG B 126 21.83 -2.85 15.62
N THR B 127 22.01 -2.81 16.93
CA THR B 127 22.46 -1.59 17.55
C THR B 127 23.23 -1.50 18.85
N ARG B 128 24.55 -1.52 18.79
CA ARG B 128 25.47 -1.29 19.92
C ARG B 128 25.09 -1.49 21.40
N SER B 129 25.98 -2.24 22.06
CA SER B 129 25.92 -2.61 23.47
C SER B 129 26.94 -1.96 24.35
N PRO B 130 26.51 -1.21 25.41
CA PRO B 130 27.44 -0.59 26.42
C PRO B 130 28.50 -1.49 27.09
N HIS B 136 26.32 -5.46 20.45
CA HIS B 136 25.51 -5.91 19.31
C HIS B 136 24.17 -6.49 19.70
N ILE B 137 23.32 -5.60 20.15
CA ILE B 137 21.95 -5.89 20.55
C ILE B 137 21.03 -5.86 19.31
N LEU B 138 19.84 -6.39 19.46
CA LEU B 138 18.90 -6.50 18.36
C LEU B 138 17.58 -5.95 18.79
N MET B 139 16.98 -5.07 18.00
CA MET B 139 15.63 -4.60 18.37
C MET B 139 14.65 -4.72 17.21
N LEU B 140 13.41 -5.14 17.49
CA LEU B 140 12.30 -4.98 16.56
C LEU B 140 12.09 -3.48 16.33
N THR B 141 11.76 -3.18 15.08
CA THR B 141 11.20 -1.91 14.67
C THR B 141 9.70 -1.99 14.79
N ASP B 142 9.06 -0.84 14.57
CA ASP B 142 7.61 -0.75 14.55
C ASP B 142 6.99 -1.66 13.49
N LYS B 143 7.57 -1.67 12.29
CA LYS B 143 7.18 -2.60 11.26
C LYS B 143 7.33 -4.07 11.74
N GLY B 144 8.40 -4.39 12.44
CA GLY B 144 8.59 -5.70 13.05
C GLY B 144 7.48 -6.10 13.99
N ARG B 145 7.22 -5.23 14.95
CA ARG B 145 6.11 -5.40 15.91
C ARG B 145 4.77 -5.61 15.20
N ALA B 146 4.51 -4.82 14.17
CA ALA B 146 3.23 -4.95 13.38
C ALA B 146 3.14 -6.30 12.61
N THR B 147 4.22 -6.67 11.94
CA THR B 147 4.17 -7.96 11.21
C THR B 147 4.09 -9.13 12.21
N LEU B 148 4.77 -8.99 13.34
CA LEU B 148 4.72 -10.02 14.35
C LEU B 148 3.34 -10.20 14.92
N ALA B 149 2.70 -9.10 15.35
CA ALA B 149 1.33 -9.19 15.84
C ALA B 149 0.37 -9.88 14.83
N ARG B 150 0.47 -9.53 13.56
CA ARG B 150 -0.36 -10.13 12.55
C ARG B 150 0.01 -11.60 12.41
N ALA B 151 1.28 -11.92 12.29
CA ALA B 151 1.71 -13.34 12.24
C ALA B 151 1.19 -14.17 13.40
N LYS B 152 1.22 -13.65 14.61
CA LYS B 152 0.76 -14.47 15.73
C LYS B 152 -0.69 -14.92 15.57
N LYS B 153 -1.48 -14.01 15.02
CA LYS B 153 -2.90 -14.21 14.82
C LYS B 153 -3.17 -15.23 13.70
N LEU B 154 -2.42 -15.14 12.62
CA LEU B 154 -2.52 -16.14 11.58
C LEU B 154 -2.07 -17.51 12.06
N VAL B 155 -0.96 -17.58 12.78
CA VAL B 155 -0.45 -18.85 13.27
C VAL B 155 -1.48 -19.54 14.15
N ALA B 156 -2.10 -18.80 15.09
CA ALA B 156 -2.98 -19.41 16.11
C ALA B 156 -4.27 -19.87 15.48
N THR B 157 -4.87 -18.96 14.71
CA THR B 157 -6.22 -19.07 14.13
C THR B 157 -6.33 -19.96 12.92
N ARG B 158 -5.30 -19.94 12.11
CA ARG B 158 -5.29 -20.55 10.81
C ARG B 158 -4.54 -21.89 10.82
N HIS B 159 -3.43 -21.97 11.54
CA HIS B 159 -2.49 -23.10 11.48
C HIS B 159 -2.60 -24.07 12.70
N GLU B 160 -2.39 -23.53 13.91
CA GLU B 160 -2.34 -24.30 15.14
C GLU B 160 -3.69 -24.90 15.51
N ASP B 161 -4.74 -24.11 15.33
CA ASP B 161 -6.14 -24.57 15.58
C ASP B 161 -6.50 -25.76 14.73
N ARG B 162 -6.11 -25.74 13.48
CA ARG B 162 -6.40 -26.85 12.62
C ARG B 162 -5.64 -28.12 12.98
N LEU B 163 -4.41 -27.98 13.43
CA LEU B 163 -3.59 -29.10 13.83
C LEU B 163 -4.17 -29.73 15.13
N THR B 164 -4.67 -28.88 16.00
CA THR B 164 -5.24 -29.34 17.25
C THR B 164 -6.55 -30.09 16.98
N GLU B 165 -7.38 -29.51 16.11
CA GLU B 165 -8.64 -30.14 15.71
C GLU B 165 -8.39 -31.50 15.06
N LEU B 166 -7.45 -31.57 14.12
CA LEU B 166 -7.04 -32.85 13.56
C LEU B 166 -6.69 -33.89 14.62
N LEU B 167 -5.91 -33.47 15.60
CA LEU B 167 -5.32 -34.40 16.56
C LEU B 167 -6.22 -34.68 17.75
N GLY B 168 -7.02 -33.68 18.13
CA GLY B 168 -7.64 -33.66 19.43
C GLY B 168 -6.71 -33.16 20.53
N ARG B 169 -7.31 -32.49 21.50
CA ARG B 169 -6.66 -31.85 22.60
C ARG B 169 -5.74 -32.76 23.43
N ASP B 170 -6.17 -33.97 23.75
CA ASP B 170 -5.35 -34.84 24.60
C ASP B 170 -4.13 -35.32 23.88
N ASN B 171 -4.33 -35.80 22.66
CA ASN B 171 -3.24 -36.22 21.77
C ASN B 171 -2.26 -35.06 21.54
N ARG B 172 -2.77 -33.92 21.07
CA ARG B 172 -1.95 -32.75 20.91
C ARG B 172 -1.04 -32.52 22.14
N ASP B 173 -1.62 -32.56 23.34
CA ASP B 173 -0.88 -32.27 24.54
C ASP B 173 0.16 -33.36 24.86
N ALA B 174 -0.21 -34.61 24.70
CA ALA B 174 0.75 -35.66 24.94
C ALA B 174 1.89 -35.59 23.90
N LEU B 175 1.54 -35.21 22.67
CA LEU B 175 2.53 -35.07 21.57
C LEU B 175 3.52 -33.95 21.90
N LEU B 176 2.98 -32.78 22.16
CA LEU B 176 3.81 -31.62 22.58
C LEU B 176 4.76 -31.97 23.74
N SER B 177 4.24 -32.63 24.77
CA SER B 177 5.09 -33.14 25.88
C SER B 177 6.25 -34.11 25.46
N MET B 178 5.93 -35.11 24.66
CA MET B 178 6.93 -36.10 24.20
C MET B 178 7.98 -35.41 23.33
N LEU B 179 7.54 -34.45 22.51
CA LEU B 179 8.47 -33.69 21.66
C LEU B 179 9.41 -32.88 22.48
N ALA B 180 8.85 -32.25 23.53
CA ALA B 180 9.63 -31.43 24.44
C ALA B 180 10.65 -32.31 25.13
N THR B 181 10.26 -33.51 25.52
CA THR B 181 11.19 -34.46 26.14
C THR B 181 12.35 -34.90 25.20
N ILE B 182 12.07 -35.10 23.91
CA ILE B 182 13.12 -35.46 22.94
C ILE B 182 14.12 -34.33 22.84
N ALA B 183 13.59 -33.12 22.67
CA ALA B 183 14.40 -31.92 22.56
C ALA B 183 15.23 -31.66 23.80
N ARG B 184 14.64 -31.89 24.96
CA ARG B 184 15.31 -31.60 26.22
C ARG B 184 16.30 -32.68 26.63
N GLU B 185 15.98 -33.96 26.39
CA GLU B 185 16.70 -35.05 27.08
C GLU B 185 17.38 -36.00 26.13
N PHE B 186 16.85 -36.22 24.93
CA PHE B 186 17.54 -37.04 23.96
C PHE B 186 18.87 -36.43 23.56
N GLU C 44 -25.64 35.13 -18.34
CA GLU C 44 -24.70 36.27 -18.33
C GLU C 44 -23.67 36.06 -19.39
N LEU C 45 -23.27 37.15 -20.01
CA LEU C 45 -22.25 37.19 -21.04
C LEU C 45 -21.62 38.57 -21.05
N LYS C 46 -22.42 39.62 -21.00
CA LYS C 46 -21.85 40.96 -20.89
C LYS C 46 -21.18 41.07 -19.53
N MET C 47 -19.92 41.49 -19.50
CA MET C 47 -19.10 41.44 -18.30
C MET C 47 -19.02 42.81 -17.66
N GLY C 48 -19.48 43.83 -18.38
CA GLY C 48 -19.36 45.20 -17.98
C GLY C 48 -17.98 45.51 -17.45
N GLU C 49 -17.97 46.19 -16.29
CA GLU C 49 -16.74 46.64 -15.67
C GLU C 49 -15.87 45.48 -15.18
N LEU C 50 -16.43 44.28 -14.94
CA LEU C 50 -15.65 43.12 -14.45
C LEU C 50 -14.41 42.85 -15.26
N SER C 51 -14.56 43.00 -16.58
CA SER C 51 -13.48 42.63 -17.47
C SER C 51 -12.36 43.67 -17.48
N GLU C 52 -12.55 44.82 -16.84
CA GLU C 52 -11.49 45.79 -16.65
C GLU C 52 -11.07 45.98 -15.17
N LEU C 53 -11.60 45.18 -14.27
CA LEU C 53 -11.20 45.31 -12.88
C LEU C 53 -10.13 44.30 -12.53
N LEU C 54 -9.07 44.82 -11.92
CA LEU C 54 -7.93 44.06 -11.50
C LEU C 54 -8.27 42.88 -10.54
N GLY C 55 -9.00 43.14 -9.47
CA GLY C 55 -9.38 42.09 -8.51
C GLY C 55 -10.10 40.85 -9.10
N TYR C 56 -10.97 41.09 -10.05
CA TYR C 56 -11.71 40.06 -10.74
C TYR C 56 -10.76 39.15 -11.52
N ALA C 57 -9.85 39.75 -12.30
CA ALA C 57 -8.91 38.99 -13.11
C ALA C 57 -7.95 38.24 -12.19
N LEU C 58 -7.59 38.92 -11.11
CA LEU C 58 -6.73 38.30 -10.11
C LEU C 58 -7.40 37.05 -9.53
N LYS C 59 -8.68 37.19 -9.16
CA LYS C 59 -9.42 36.04 -8.60
C LYS C 59 -9.58 34.92 -9.59
N ARG C 60 -9.87 35.21 -10.84
CA ARG C 60 -10.04 34.16 -11.81
C ARG C 60 -8.74 33.45 -12.09
N ALA C 61 -7.67 34.22 -12.16
CA ALA C 61 -6.38 33.63 -12.35
C ALA C 61 -6.06 32.76 -11.17
N GLN C 62 -6.24 33.25 -9.93
CA GLN C 62 -5.98 32.46 -8.75
C GLN C 62 -6.73 31.14 -8.72
N LEU C 63 -8.00 31.20 -9.07
CA LEU C 63 -8.86 29.97 -9.08
C LEU C 63 -8.36 28.90 -10.04
N ARG C 64 -7.93 29.33 -11.22
CA ARG C 64 -7.52 28.40 -12.21
C ARG C 64 -6.18 27.74 -11.80
N VAL C 65 -5.28 28.55 -11.26
CA VAL C 65 -4.03 28.07 -10.74
C VAL C 65 -4.25 27.06 -9.58
N PHE C 66 -5.14 27.38 -8.62
CA PHE C 66 -5.42 26.47 -7.51
C PHE C 66 -5.96 25.19 -8.06
N GLU C 67 -6.87 25.30 -9.01
CA GLU C 67 -7.49 24.07 -9.59
C GLU C 67 -6.43 23.14 -10.28
N ASP C 68 -5.51 23.75 -11.02
CA ASP C 68 -4.41 23.01 -11.63
C ASP C 68 -3.47 22.39 -10.58
N PHE C 69 -3.15 23.15 -9.53
CA PHE C 69 -2.35 22.68 -8.39
C PHE C 69 -2.96 21.46 -7.81
N LEU C 70 -4.26 21.53 -7.51
CA LEU C 70 -4.95 20.38 -6.91
C LEU C 70 -4.81 19.11 -7.79
N HIS C 71 -4.99 19.28 -9.11
N HIS C 71 -4.99 19.28 -9.10
CA HIS C 71 -4.86 18.21 -10.09
CA HIS C 71 -4.91 18.19 -10.05
C HIS C 71 -3.50 17.60 -10.06
C HIS C 71 -3.51 17.61 -10.10
N CYS C 72 -2.46 18.45 -10.09
CA CYS C 72 -1.07 18.01 -10.20
C CYS C 72 -0.50 17.42 -8.93
N VAL C 73 -0.90 17.97 -7.80
CA VAL C 73 -0.36 17.45 -6.52
C VAL C 73 -1.25 16.32 -5.99
N ALA C 74 -2.29 15.98 -6.72
CA ALA C 74 -3.21 14.95 -6.31
C ALA C 74 -2.63 13.58 -5.91
N PRO C 75 -1.52 13.09 -6.52
CA PRO C 75 -0.93 11.85 -5.99
C PRO C 75 -0.62 11.92 -4.53
N VAL C 76 -0.30 13.09 -3.96
CA VAL C 76 -0.09 13.23 -2.54
C VAL C 76 -1.14 14.00 -1.75
N GLN C 77 -2.21 14.45 -2.39
CA GLN C 77 -3.38 14.91 -1.66
C GLN C 77 -3.10 16.08 -0.76
N LEU C 78 -2.70 17.20 -1.35
CA LEU C 78 -2.41 18.43 -0.64
C LEU C 78 -3.10 19.56 -1.40
N THR C 79 -3.71 20.44 -0.65
CA THR C 79 -4.17 21.73 -1.17
C THR C 79 -2.96 22.65 -1.16
N PRO C 80 -3.04 23.80 -1.84
CA PRO C 80 -1.97 24.79 -1.76
C PRO C 80 -1.58 25.24 -0.36
N ALA C 81 -2.58 25.45 0.49
CA ALA C 81 -2.29 25.93 1.85
C ALA C 81 -1.62 24.82 2.68
N GLN C 82 -2.09 23.58 2.52
CA GLN C 82 -1.47 22.40 3.16
C GLN C 82 0.01 22.25 2.78
N PHE C 83 0.30 22.28 1.49
CA PHE C 83 1.69 22.34 0.98
C PHE C 83 2.52 23.45 1.63
N SER C 84 1.96 24.65 1.66
CA SER C 84 2.62 25.81 2.16
C SER C 84 2.93 25.71 3.68
N VAL C 85 2.00 25.12 4.44
CA VAL C 85 2.22 24.89 5.86
C VAL C 85 3.36 23.85 6.03
N LEU C 86 3.31 22.73 5.29
CA LEU C 86 4.34 21.73 5.40
C LEU C 86 5.70 22.32 5.02
N LEU C 87 5.69 23.21 4.04
CA LEU C 87 6.92 23.75 3.51
C LEU C 87 7.53 24.70 4.51
N LEU C 88 6.74 25.62 5.06
CA LEU C 88 7.24 26.52 6.09
C LEU C 88 7.73 25.84 7.36
N LEU C 89 7.06 24.80 7.79
CA LEU C 89 7.52 24.02 8.95
C LEU C 89 8.90 23.39 8.70
N ASP C 90 9.00 22.62 7.62
CA ASP C 90 10.26 22.10 7.15
C ASP C 90 11.34 23.21 7.12
N ALA C 91 11.05 24.39 6.58
CA ALA C 91 12.10 25.40 6.46
C ALA C 91 12.39 26.22 7.73
N ASN C 92 11.51 26.13 8.74
CA ASN C 92 11.64 26.97 9.92
C ASN C 92 11.41 26.13 11.17
N PRO C 93 12.25 25.10 11.38
CA PRO C 93 11.98 24.22 12.53
C PRO C 93 11.91 24.96 13.87
N GLY C 94 11.01 24.55 14.75
CA GLY C 94 10.94 25.10 16.10
C GLY C 94 10.13 26.39 16.28
N ARG C 95 9.74 27.04 15.18
CA ARG C 95 8.77 28.13 15.23
C ARG C 95 7.38 27.56 15.56
N ASN C 96 6.53 28.40 16.15
CA ASN C 96 5.19 27.98 16.62
C ASN C 96 4.06 28.22 15.64
N GLN C 97 2.93 27.62 15.98
CA GLN C 97 1.68 27.78 15.29
C GLN C 97 1.37 29.21 14.82
N THR C 98 1.45 30.14 15.75
CA THR C 98 1.05 31.47 15.49
C THR C 98 1.93 32.12 14.44
N GLU C 99 3.21 31.84 14.41
CA GLU C 99 4.03 32.49 13.41
C GLU C 99 3.80 31.91 11.99
N ILE C 100 3.57 30.60 11.87
CA ILE C 100 3.23 29.96 10.61
C ILE C 100 1.94 30.57 10.06
N ALA C 101 0.87 30.49 10.85
CA ALA C 101 -0.39 31.13 10.53
C ALA C 101 -0.29 32.60 10.12
N THR C 102 0.47 33.41 10.85
CA THR C 102 0.44 34.79 10.52
C THR C 102 1.31 34.99 9.27
N THR C 103 2.33 34.19 9.03
CA THR C 103 3.04 34.45 7.80
C THR C 103 2.20 34.08 6.60
N LEU C 104 1.39 33.04 6.70
CA LEU C 104 0.47 32.67 5.65
C LEU C 104 -0.87 33.42 5.59
N GLY C 105 -1.11 34.39 6.46
CA GLY C 105 -2.37 35.09 6.49
C GLY C 105 -3.57 34.16 6.75
N ILE C 106 -3.38 33.19 7.62
CA ILE C 106 -4.46 32.31 8.03
C ILE C 106 -4.94 32.68 9.42
N LEU C 107 -6.25 32.86 9.57
CA LEU C 107 -6.83 33.09 10.88
C LEU C 107 -6.73 31.85 11.75
N ARG C 108 -6.88 32.08 13.06
CA ARG C 108 -6.57 31.11 14.10
C ARG C 108 -7.50 29.91 14.06
N PRO C 109 -8.83 30.15 14.08
CA PRO C 109 -9.60 28.92 14.09
C PRO C 109 -9.45 28.18 12.75
N ASN C 110 -9.19 28.84 11.62
CA ASN C 110 -9.06 28.13 10.35
C ASN C 110 -7.77 27.28 10.43
N PHE C 111 -6.72 27.88 11.02
CA PHE C 111 -5.45 27.25 11.18
C PHE C 111 -5.46 26.05 12.08
N VAL C 112 -6.12 26.18 13.23
CA VAL C 112 -6.35 25.08 14.15
C VAL C 112 -6.99 23.93 13.37
N ALA C 113 -8.08 24.21 12.67
CA ALA C 113 -8.73 23.18 11.82
C ALA C 113 -7.79 22.53 10.79
N MET C 114 -6.87 23.30 10.20
CA MET C 114 -6.02 22.70 9.19
C MET C 114 -4.94 21.82 9.86
N LEU C 115 -4.46 22.19 11.06
CA LEU C 115 -3.55 21.36 11.84
C LEU C 115 -4.20 20.06 12.30
N ASP C 116 -5.45 20.10 12.77
CA ASP C 116 -6.18 18.84 13.10
C ASP C 116 -6.18 17.86 11.93
N ALA C 117 -6.41 18.34 10.72
CA ALA C 117 -6.33 17.49 9.52
C ALA C 117 -4.91 16.99 9.28
N LEU C 118 -3.93 17.88 9.35
CA LEU C 118 -2.55 17.46 9.03
C LEU C 118 -1.99 16.48 10.07
N GLU C 119 -2.41 16.66 11.31
CA GLU C 119 -1.96 15.83 12.42
C GLU C 119 -2.67 14.53 12.35
N GLY C 120 -3.96 14.57 12.03
CA GLY C 120 -4.69 13.31 11.84
C GLY C 120 -4.22 12.47 10.64
N ARG C 121 -3.62 13.10 9.62
CA ARG C 121 -3.00 12.33 8.54
C ARG C 121 -1.59 11.88 8.89
N GLY C 122 -1.10 12.12 10.11
CA GLY C 122 0.25 11.64 10.43
C GLY C 122 1.35 12.46 9.76
N LEU C 123 1.02 13.69 9.31
CA LEU C 123 2.00 14.51 8.59
C LEU C 123 2.79 15.44 9.46
N CYS C 124 2.23 15.80 10.61
CA CYS C 124 2.90 16.66 11.54
C CYS C 124 2.40 16.33 12.96
N VAL C 125 3.11 16.78 13.99
CA VAL C 125 2.75 16.57 15.42
C VAL C 125 2.84 17.89 16.23
N ARG C 126 1.93 18.08 17.18
CA ARG C 126 1.92 19.24 18.07
C ARG C 126 2.63 18.72 19.30
N THR C 127 3.74 19.34 19.67
CA THR C 127 4.57 18.81 20.77
C THR C 127 5.11 19.92 21.67
N ARG C 128 5.05 19.72 22.97
CA ARG C 128 5.58 20.71 23.90
C ARG C 128 6.92 20.24 24.39
N ILE C 137 5.03 23.42 20.18
CA ILE C 137 5.58 23.59 18.83
C ILE C 137 5.17 22.51 17.85
N LEU C 138 5.27 22.87 16.58
CA LEU C 138 4.93 21.99 15.46
C LEU C 138 6.13 21.35 14.84
N MET C 139 6.05 20.03 14.63
CA MET C 139 7.09 19.25 14.00
C MET C 139 6.53 18.46 12.80
N LEU C 140 7.22 18.47 11.67
CA LEU C 140 6.98 17.53 10.59
C LEU C 140 7.39 16.13 11.01
N THR C 141 6.63 15.12 10.60
CA THR C 141 7.03 13.75 10.80
C THR C 141 7.83 13.32 9.59
N ASP C 142 8.32 12.07 9.62
CA ASP C 142 8.98 11.51 8.46
C ASP C 142 8.03 11.43 7.27
N LYS C 143 6.83 10.89 7.50
CA LYS C 143 5.79 10.87 6.45
C LYS C 143 5.49 12.29 5.90
N GLY C 144 5.46 13.30 6.75
CA GLY C 144 5.34 14.65 6.27
C GLY C 144 6.47 15.12 5.36
N ARG C 145 7.69 14.79 5.75
CA ARG C 145 8.86 15.15 4.94
C ARG C 145 8.79 14.39 3.61
N ALA C 146 8.44 13.13 3.65
CA ALA C 146 8.30 12.37 2.39
C ALA C 146 7.19 12.89 1.48
N THR C 147 6.06 13.29 2.04
CA THR C 147 5.03 13.81 1.15
C THR C 147 5.42 15.21 0.64
N LEU C 148 6.07 16.03 1.46
CA LEU C 148 6.53 17.35 1.05
C LEU C 148 7.48 17.28 -0.13
N ALA C 149 8.49 16.40 -0.02
CA ALA C 149 9.49 16.19 -1.12
C ALA C 149 8.85 15.82 -2.45
N ARG C 150 7.89 14.93 -2.38
CA ARG C 150 7.18 14.50 -3.52
C ARG C 150 6.38 15.66 -4.07
N ALA C 151 5.67 16.34 -3.20
CA ALA C 151 4.88 17.48 -3.63
C ALA C 151 5.71 18.53 -4.33
N LYS C 152 6.89 18.84 -3.78
CA LYS C 152 7.70 19.93 -4.33
C LYS C 152 8.05 19.64 -5.77
N LYS C 153 8.26 18.36 -6.07
CA LYS C 153 8.65 17.92 -7.41
C LYS C 153 7.49 18.05 -8.38
N LEU C 154 6.33 17.54 -7.98
CA LEU C 154 5.11 17.66 -8.76
C LEU C 154 4.74 19.14 -9.05
N VAL C 155 4.84 20.00 -8.02
CA VAL C 155 4.63 21.43 -8.15
C VAL C 155 5.59 22.00 -9.20
N ALA C 156 6.90 21.68 -9.10
CA ALA C 156 7.89 22.35 -10.00
C ALA C 156 7.75 21.85 -11.40
N THR C 157 7.57 20.53 -11.55
CA THR C 157 7.60 19.85 -12.87
C THR C 157 6.30 19.89 -13.64
N ARG C 158 5.21 19.59 -13.00
CA ARG C 158 3.98 19.53 -13.71
C ARG C 158 3.15 20.79 -13.70
N HIS C 159 3.38 21.61 -12.72
CA HIS C 159 2.53 22.79 -12.50
C HIS C 159 3.20 24.13 -12.87
N GLU C 160 4.23 24.48 -12.12
CA GLU C 160 4.89 25.78 -12.23
C GLU C 160 5.58 25.92 -13.57
N ASP C 161 6.28 24.86 -13.99
CA ASP C 161 6.92 24.82 -15.35
C ASP C 161 5.98 25.05 -16.50
N ARG C 162 4.81 24.48 -16.39
CA ARG C 162 3.79 24.67 -17.38
C ARG C 162 3.30 26.10 -17.32
N LEU C 163 3.18 26.67 -16.13
CA LEU C 163 2.71 28.06 -16.04
C LEU C 163 3.69 28.99 -16.71
N THR C 164 4.95 28.75 -16.43
CA THR C 164 6.01 29.61 -16.95
C THR C 164 6.12 29.54 -18.46
N GLU C 165 5.88 28.36 -19.00
CA GLU C 165 5.93 28.13 -20.44
C GLU C 165 4.79 28.83 -21.15
N LEU C 166 3.61 28.90 -20.52
CA LEU C 166 2.47 29.64 -21.07
C LEU C 166 2.82 31.11 -21.21
N LEU C 167 3.36 31.69 -20.16
CA LEU C 167 3.67 33.10 -20.17
C LEU C 167 5.05 33.23 -20.78
N GLY C 168 5.54 34.42 -21.07
CA GLY C 168 7.02 34.45 -21.26
C GLY C 168 7.83 34.13 -19.99
N ARG C 169 9.02 33.51 -20.09
CA ARG C 169 9.97 33.49 -18.93
C ARG C 169 10.17 34.90 -18.36
N ASP C 170 10.34 35.88 -19.24
CA ASP C 170 10.41 37.28 -18.81
C ASP C 170 9.05 37.80 -18.30
N ASN C 171 7.96 37.43 -18.96
CA ASN C 171 6.63 37.91 -18.53
C ASN C 171 6.26 37.28 -17.19
N ARG C 172 6.75 36.08 -16.96
CA ARG C 172 6.51 35.40 -15.74
C ARG C 172 7.26 36.03 -14.56
N ASP C 173 8.48 36.45 -14.77
CA ASP C 173 9.22 37.06 -13.71
C ASP C 173 8.63 38.41 -13.34
N ALA C 174 8.23 39.18 -14.32
CA ALA C 174 7.63 40.45 -14.09
C ALA C 174 6.27 40.26 -13.42
N LEU C 175 5.51 39.22 -13.76
CA LEU C 175 4.20 38.94 -13.08
C LEU C 175 4.42 38.63 -11.62
N LEU C 176 5.41 37.78 -11.37
CA LEU C 176 5.75 37.39 -10.02
C LEU C 176 6.03 38.66 -9.25
N SER C 177 6.81 39.56 -9.84
CA SER C 177 7.30 40.72 -9.09
C SER C 177 6.18 41.73 -8.84
N MET C 178 5.32 41.91 -9.82
CA MET C 178 4.12 42.75 -9.63
C MET C 178 3.12 42.21 -8.54
N LEU C 179 2.96 40.90 -8.48
CA LEU C 179 2.09 40.30 -7.50
C LEU C 179 2.68 40.48 -6.14
N ALA C 180 3.98 40.23 -6.01
CA ALA C 180 4.66 40.48 -4.72
C ALA C 180 4.55 41.92 -4.28
N THR C 181 4.59 42.85 -5.23
CA THR C 181 4.39 44.28 -4.89
C THR C 181 2.98 44.58 -4.32
N ILE C 182 1.97 43.98 -4.95
CA ILE C 182 0.59 44.13 -4.47
C ILE C 182 0.44 43.59 -3.05
N ALA C 183 0.95 42.38 -2.85
CA ALA C 183 0.91 41.73 -1.53
C ALA C 183 1.68 42.56 -0.48
N ARG C 184 2.75 43.22 -0.87
CA ARG C 184 3.59 43.84 0.11
C ARG C 184 3.07 45.21 0.41
N GLU C 185 2.64 45.94 -0.61
CA GLU C 185 2.45 47.41 -0.49
C GLU C 185 1.02 47.88 -0.53
N PHE C 186 0.11 47.13 -1.14
CA PHE C 186 -1.23 47.67 -1.34
C PHE C 186 -1.97 47.73 0.00
N GLU D 44 -22.34 -3.59 7.11
CA GLU D 44 -22.37 -2.53 6.10
C GLU D 44 -22.84 -3.09 4.81
N LEU D 45 -23.77 -4.00 4.89
CA LEU D 45 -24.11 -4.81 3.79
C LEU D 45 -24.50 -3.89 2.59
N LYS D 46 -25.07 -2.69 2.71
CA LYS D 46 -25.50 -1.94 1.47
C LYS D 46 -24.38 -1.19 0.75
N MET D 47 -24.18 -1.49 -0.53
CA MET D 47 -22.99 -1.01 -1.24
C MET D 47 -23.17 0.24 -2.04
N GLY D 48 -24.38 0.75 -2.12
CA GLY D 48 -24.77 1.87 -2.99
C GLY D 48 -24.12 1.77 -4.36
N GLU D 49 -23.53 2.87 -4.81
CA GLU D 49 -22.88 2.99 -6.14
C GLU D 49 -21.64 2.12 -6.25
N LEU D 50 -21.05 1.73 -5.12
CA LEU D 50 -19.81 1.00 -5.21
C LEU D 50 -19.88 -0.23 -6.11
N SER D 51 -21.00 -0.94 -6.07
CA SER D 51 -21.13 -2.14 -6.89
C SER D 51 -21.33 -1.91 -8.41
N GLU D 52 -21.47 -0.66 -8.84
CA GLU D 52 -21.45 -0.32 -10.28
C GLU D 52 -20.24 0.51 -10.68
N LEU D 53 -19.26 0.63 -9.79
CA LEU D 53 -18.03 1.36 -10.09
C LEU D 53 -16.94 0.39 -10.46
N LEU D 54 -16.45 0.56 -11.70
CA LEU D 54 -15.37 -0.26 -12.20
C LEU D 54 -14.14 -0.38 -11.35
N GLY D 55 -13.61 0.76 -10.94
CA GLY D 55 -12.42 0.82 -10.10
C GLY D 55 -12.55 0.04 -8.79
N TYR D 56 -13.76 0.00 -8.20
CA TYR D 56 -14.02 -0.76 -6.98
C TYR D 56 -13.84 -2.23 -7.29
N ALA D 57 -14.51 -2.68 -8.34
CA ALA D 57 -14.48 -4.06 -8.72
C ALA D 57 -13.04 -4.50 -9.12
N LEU D 58 -12.34 -3.61 -9.78
CA LEU D 58 -11.00 -3.85 -10.16
C LEU D 58 -10.14 -4.06 -8.92
N LYS D 59 -10.30 -3.21 -7.92
CA LYS D 59 -9.48 -3.31 -6.76
C LYS D 59 -9.80 -4.57 -5.97
N ARG D 60 -11.05 -4.93 -5.85
CA ARG D 60 -11.41 -6.11 -5.13
C ARG D 60 -10.90 -7.34 -5.82
N ALA D 61 -11.04 -7.36 -7.13
CA ALA D 61 -10.43 -8.46 -7.87
C ALA D 61 -8.92 -8.49 -7.64
N GLN D 62 -8.25 -7.36 -7.78
CA GLN D 62 -6.78 -7.33 -7.65
C GLN D 62 -6.27 -7.88 -6.28
N LEU D 63 -6.95 -7.47 -5.22
CA LEU D 63 -6.58 -7.92 -3.85
C LEU D 63 -6.72 -9.46 -3.66
N ARG D 64 -7.78 -10.03 -4.22
CA ARG D 64 -8.00 -11.45 -4.14
C ARG D 64 -6.91 -12.24 -4.88
N VAL D 65 -6.56 -11.72 -6.06
CA VAL D 65 -5.55 -12.33 -6.90
C VAL D 65 -4.20 -12.27 -6.19
N PHE D 66 -3.86 -11.11 -5.64
CA PHE D 66 -2.67 -10.93 -4.83
C PHE D 66 -2.65 -11.90 -3.65
N GLU D 67 -3.76 -12.04 -2.91
CA GLU D 67 -3.85 -12.96 -1.77
C GLU D 67 -3.57 -14.43 -2.18
N ASP D 68 -4.15 -14.82 -3.30
CA ASP D 68 -3.97 -16.14 -3.84
C ASP D 68 -2.52 -16.35 -4.24
N PHE D 69 -1.98 -15.41 -4.99
CA PHE D 69 -0.58 -15.42 -5.37
C PHE D 69 0.27 -15.68 -4.14
N LEU D 70 0.09 -14.88 -3.11
CA LEU D 70 0.94 -15.01 -1.92
C LEU D 70 0.88 -16.43 -1.36
N HIS D 71 -0.32 -17.02 -1.30
CA HIS D 71 -0.46 -18.42 -0.85
C HIS D 71 0.24 -19.39 -1.75
N CYS D 72 0.09 -19.26 -3.07
CA CYS D 72 0.68 -20.23 -4.02
C CYS D 72 2.20 -20.10 -4.11
N VAL D 73 2.71 -18.89 -3.96
CA VAL D 73 4.15 -18.70 -4.02
C VAL D 73 4.83 -18.77 -2.64
N ALA D 74 4.09 -19.03 -1.57
CA ALA D 74 4.68 -19.10 -0.24
C ALA D 74 5.91 -20.04 -0.02
N PRO D 75 6.03 -21.19 -0.71
CA PRO D 75 7.24 -22.00 -0.48
C PRO D 75 8.51 -21.18 -0.74
N VAL D 76 8.46 -20.20 -1.65
CA VAL D 76 9.64 -19.36 -1.92
C VAL D 76 9.54 -17.90 -1.49
N GLN D 77 8.43 -17.53 -0.84
CA GLN D 77 8.37 -16.25 -0.12
C GLN D 77 8.57 -15.05 -1.04
N LEU D 78 7.68 -14.94 -2.03
CA LEU D 78 7.65 -13.78 -2.92
C LEU D 78 6.28 -13.18 -2.97
N THR D 79 6.26 -11.85 -2.86
CA THR D 79 5.13 -11.03 -3.18
C THR D 79 5.05 -10.88 -4.70
N PRO D 80 3.90 -10.46 -5.23
CA PRO D 80 3.83 -10.23 -6.68
C PRO D 80 4.92 -9.31 -7.24
N ALA D 81 5.22 -8.24 -6.53
CA ALA D 81 6.17 -7.26 -7.06
C ALA D 81 7.64 -7.79 -6.97
N GLN D 82 7.97 -8.48 -5.90
CA GLN D 82 9.27 -9.19 -5.77
C GLN D 82 9.48 -10.12 -6.95
N PHE D 83 8.51 -10.97 -7.21
CA PHE D 83 8.49 -11.84 -8.40
C PHE D 83 8.71 -11.10 -9.70
N SER D 84 7.92 -10.09 -9.94
CA SER D 84 8.10 -9.21 -11.11
C SER D 84 9.47 -8.55 -11.20
N VAL D 85 10.04 -8.11 -10.08
CA VAL D 85 11.38 -7.49 -10.16
C VAL D 85 12.40 -8.59 -10.55
N LEU D 86 12.34 -9.76 -9.89
CA LEU D 86 13.26 -10.88 -10.22
C LEU D 86 13.11 -11.28 -11.69
N LEU D 87 11.87 -11.39 -12.16
CA LEU D 87 11.63 -11.82 -13.50
C LEU D 87 12.23 -10.84 -14.48
N LEU D 88 12.07 -9.54 -14.19
CA LEU D 88 12.53 -8.53 -15.14
C LEU D 88 14.05 -8.50 -15.25
N LEU D 89 14.75 -8.50 -14.12
CA LEU D 89 16.22 -8.66 -14.04
C LEU D 89 16.80 -9.85 -14.80
N ASP D 90 16.21 -11.01 -14.59
CA ASP D 90 16.57 -12.17 -15.31
C ASP D 90 16.33 -12.03 -16.82
N ALA D 91 15.23 -11.38 -17.23
CA ALA D 91 14.93 -11.20 -18.66
C ALA D 91 15.66 -10.02 -19.30
N ASN D 92 16.16 -9.08 -18.51
CA ASN D 92 16.88 -7.90 -19.01
C ASN D 92 18.13 -7.72 -18.20
N PRO D 93 19.19 -8.49 -18.50
CA PRO D 93 20.40 -8.38 -17.68
C PRO D 93 21.11 -7.01 -17.89
N GLY D 94 21.78 -6.52 -16.85
CA GLY D 94 22.46 -5.20 -16.86
C GLY D 94 21.65 -3.93 -17.15
N ARG D 95 20.44 -3.82 -16.62
CA ARG D 95 19.65 -2.60 -16.76
C ARG D 95 19.70 -1.89 -15.42
N ASN D 96 19.49 -0.58 -15.46
CA ASN D 96 19.50 0.35 -14.33
C ASN D 96 18.35 0.07 -13.36
N GLN D 97 18.53 0.46 -12.10
CA GLN D 97 17.44 0.58 -11.13
C GLN D 97 16.25 1.38 -11.68
N THR D 98 16.54 2.49 -12.33
CA THR D 98 15.52 3.41 -12.79
C THR D 98 14.63 2.70 -13.79
N GLU D 99 15.24 1.95 -14.70
CA GLU D 99 14.49 1.35 -15.80
C GLU D 99 13.51 0.29 -15.33
N ILE D 100 13.96 -0.52 -14.38
CA ILE D 100 13.15 -1.56 -13.74
C ILE D 100 11.94 -0.93 -13.01
N ALA D 101 12.23 -0.04 -12.04
CA ALA D 101 11.23 0.73 -11.32
C ALA D 101 10.19 1.38 -12.25
N THR D 102 10.69 2.14 -13.21
CA THR D 102 9.87 2.81 -14.22
C THR D 102 9.00 1.82 -14.99
N THR D 103 9.57 0.72 -15.43
CA THR D 103 8.81 -0.26 -16.14
C THR D 103 7.69 -0.86 -15.26
N LEU D 104 7.93 -1.07 -13.96
CA LEU D 104 6.94 -1.66 -13.04
C LEU D 104 6.01 -0.63 -12.35
N GLY D 105 6.18 0.65 -12.64
CA GLY D 105 5.47 1.72 -11.95
C GLY D 105 5.59 1.68 -10.44
N ILE D 106 6.83 1.80 -9.97
CA ILE D 106 7.17 1.82 -8.60
C ILE D 106 8.01 3.07 -8.43
N LEU D 107 7.71 3.85 -7.38
CA LEU D 107 8.44 5.11 -7.14
C LEU D 107 9.82 4.84 -6.58
N ARG D 108 10.70 5.83 -6.69
CA ARG D 108 12.09 5.70 -6.23
C ARG D 108 12.22 5.18 -4.79
N PRO D 109 11.76 5.95 -3.79
CA PRO D 109 12.07 5.40 -2.47
C PRO D 109 11.48 3.99 -2.23
N ASN D 110 10.34 3.68 -2.86
CA ASN D 110 9.65 2.41 -2.57
C ASN D 110 10.57 1.31 -3.17
N PHE D 111 11.20 1.64 -4.28
CA PHE D 111 11.97 0.71 -5.04
C PHE D 111 13.28 0.37 -4.37
N VAL D 112 13.92 1.40 -3.81
CA VAL D 112 15.11 1.25 -3.03
C VAL D 112 14.78 0.34 -1.84
N ALA D 113 13.71 0.64 -1.11
CA ALA D 113 13.32 -0.18 0.04
C ALA D 113 13.12 -1.68 -0.34
N MET D 114 12.55 -1.91 -1.52
CA MET D 114 12.33 -3.29 -1.95
C MET D 114 13.67 -3.92 -2.42
N LEU D 115 14.61 -3.15 -2.98
CA LEU D 115 15.97 -3.67 -3.23
C LEU D 115 16.72 -4.01 -1.97
N ASP D 116 16.62 -3.14 -0.97
CA ASP D 116 17.18 -3.45 0.37
C ASP D 116 16.79 -4.87 0.82
N ALA D 117 15.52 -5.22 0.64
CA ALA D 117 15.02 -6.54 1.05
C ALA D 117 15.53 -7.63 0.12
N LEU D 118 15.50 -7.42 -1.19
CA LEU D 118 16.03 -8.42 -2.11
C LEU D 118 17.57 -8.69 -1.96
N GLU D 119 18.34 -7.65 -1.84
CA GLU D 119 19.79 -7.75 -1.55
C GLU D 119 20.09 -8.44 -0.21
N GLY D 120 19.42 -8.02 0.86
CA GLY D 120 19.57 -8.63 2.21
C GLY D 120 19.24 -10.13 2.20
N ARG D 121 18.26 -10.56 1.38
CA ARG D 121 17.98 -11.99 1.15
C ARG D 121 19.03 -12.73 0.24
N GLY D 122 19.99 -12.05 -0.40
CA GLY D 122 20.95 -12.71 -1.28
C GLY D 122 20.38 -13.11 -2.62
N LEU D 123 19.22 -12.55 -2.95
CA LEU D 123 18.56 -12.82 -4.24
C LEU D 123 19.08 -11.97 -5.41
N CYS D 124 19.64 -10.81 -5.13
CA CYS D 124 20.13 -9.91 -6.19
C CYS D 124 21.25 -9.03 -5.63
N VAL D 125 22.10 -8.47 -6.50
CA VAL D 125 23.19 -7.57 -6.06
C VAL D 125 23.12 -6.24 -6.84
N ARG D 126 23.48 -5.12 -6.19
CA ARG D 126 23.70 -3.83 -6.88
C ARG D 126 25.22 -3.65 -7.05
N THR D 127 25.62 -3.04 -8.15
CA THR D 127 27.03 -2.81 -8.41
C THR D 127 27.37 -1.39 -8.85
N ILE D 137 23.97 -0.98 -11.78
CA ILE D 137 23.15 -1.98 -12.40
C ILE D 137 22.84 -3.10 -11.44
N LEU D 138 21.81 -3.86 -11.75
CA LEU D 138 21.31 -4.92 -10.86
C LEU D 138 21.45 -6.30 -11.49
N MET D 139 21.77 -7.29 -10.66
CA MET D 139 22.11 -8.65 -11.12
C MET D 139 21.44 -9.74 -10.25
N LEU D 140 20.72 -10.67 -10.87
CA LEU D 140 20.35 -11.86 -10.13
C LEU D 140 21.59 -12.64 -9.71
N THR D 141 21.49 -13.25 -8.53
CA THR D 141 22.44 -14.23 -8.07
C THR D 141 21.89 -15.58 -8.43
N ASP D 142 22.64 -16.64 -8.10
CA ASP D 142 22.15 -17.98 -8.40
C ASP D 142 20.98 -18.31 -7.48
N LYS D 143 21.05 -17.94 -6.20
CA LYS D 143 19.91 -18.11 -5.33
C LYS D 143 18.66 -17.43 -5.95
N GLY D 144 18.80 -16.25 -6.52
CA GLY D 144 17.67 -15.58 -7.20
C GLY D 144 17.10 -16.33 -8.37
N ARG D 145 18.02 -16.88 -9.16
CA ARG D 145 17.62 -17.65 -10.32
C ARG D 145 16.91 -18.90 -9.86
N ALA D 146 17.43 -19.60 -8.88
CA ALA D 146 16.72 -20.82 -8.43
C ALA D 146 15.33 -20.48 -7.84
N THR D 147 15.26 -19.38 -7.10
CA THR D 147 13.95 -19.01 -6.52
C THR D 147 12.92 -18.55 -7.55
N LEU D 148 13.38 -17.83 -8.55
CA LEU D 148 12.56 -17.43 -9.71
C LEU D 148 12.01 -18.58 -10.53
N ALA D 149 12.88 -19.56 -10.77
CA ALA D 149 12.50 -20.69 -11.57
C ALA D 149 11.43 -21.45 -10.79
N ARG D 150 11.65 -21.61 -9.50
N ARG D 150 11.63 -21.67 -9.48
CA ARG D 150 10.64 -22.28 -8.70
CA ARG D 150 10.57 -22.32 -8.71
C ARG D 150 9.32 -21.45 -8.71
C ARG D 150 9.29 -21.46 -8.69
N ALA D 151 9.44 -20.14 -8.66
CA ALA D 151 8.29 -19.25 -8.62
C ALA D 151 7.46 -19.29 -9.85
N LYS D 152 8.09 -19.25 -11.03
CA LYS D 152 7.31 -19.30 -12.30
C LYS D 152 6.44 -20.51 -12.42
N LYS D 153 6.97 -21.64 -11.97
CA LYS D 153 6.25 -22.89 -11.99
C LYS D 153 5.04 -22.85 -11.03
N LEU D 154 5.25 -22.43 -9.79
CA LEU D 154 4.13 -22.28 -8.84
C LEU D 154 3.08 -21.30 -9.37
N VAL D 155 3.53 -20.20 -9.93
CA VAL D 155 2.63 -19.18 -10.52
C VAL D 155 1.82 -19.79 -11.65
N ALA D 156 2.45 -20.51 -12.57
CA ALA D 156 1.70 -21.05 -13.75
C ALA D 156 0.77 -22.18 -13.28
N THR D 157 1.33 -23.15 -12.60
CA THR D 157 0.60 -24.36 -12.26
C THR D 157 -0.41 -24.25 -11.14
N ARG D 158 -0.12 -23.47 -10.09
CA ARG D 158 -0.98 -23.45 -8.90
C ARG D 158 -1.97 -22.23 -8.88
N HIS D 159 -1.64 -21.15 -9.57
CA HIS D 159 -2.34 -19.84 -9.48
C HIS D 159 -3.00 -19.43 -10.82
N GLU D 160 -2.21 -19.18 -11.87
CA GLU D 160 -2.81 -18.78 -13.18
C GLU D 160 -3.76 -19.79 -13.78
N ASP D 161 -3.39 -21.06 -13.70
CA ASP D 161 -4.21 -22.14 -14.26
C ASP D 161 -5.57 -22.13 -13.66
N ARG D 162 -5.63 -21.95 -12.35
CA ARG D 162 -6.87 -22.03 -11.62
C ARG D 162 -7.73 -20.79 -11.97
N LEU D 163 -7.10 -19.64 -12.15
CA LEU D 163 -7.84 -18.45 -12.53
C LEU D 163 -8.37 -18.55 -13.98
N THR D 164 -7.56 -19.04 -14.92
CA THR D 164 -8.08 -19.34 -16.27
C THR D 164 -9.31 -20.30 -16.32
N GLU D 165 -9.19 -21.41 -15.61
CA GLU D 165 -10.23 -22.40 -15.45
C GLU D 165 -11.49 -21.83 -14.79
N LEU D 166 -11.34 -20.84 -13.92
CA LEU D 166 -12.51 -20.20 -13.30
C LEU D 166 -13.24 -19.34 -14.36
N LEU D 167 -12.52 -18.53 -15.07
CA LEU D 167 -13.13 -17.61 -16.03
C LEU D 167 -13.52 -18.28 -17.33
N GLY D 168 -12.85 -19.37 -17.68
CA GLY D 168 -12.89 -19.86 -19.03
C GLY D 168 -11.84 -19.19 -19.87
N ARG D 169 -11.22 -20.01 -20.72
CA ARG D 169 -10.21 -19.64 -21.72
C ARG D 169 -10.56 -18.35 -22.48
N ASP D 170 -11.78 -18.28 -23.00
CA ASP D 170 -12.20 -17.14 -23.87
C ASP D 170 -12.43 -15.87 -23.04
N ASN D 171 -13.12 -16.00 -21.92
CA ASN D 171 -13.30 -14.87 -21.02
C ASN D 171 -11.96 -14.30 -20.51
N ARG D 172 -11.06 -15.20 -20.13
CA ARG D 172 -9.74 -14.81 -19.64
C ARG D 172 -8.98 -13.97 -20.64
N ASP D 173 -8.98 -14.38 -21.90
CA ASP D 173 -8.19 -13.62 -22.86
C ASP D 173 -8.83 -12.28 -23.17
N ALA D 174 -10.15 -12.23 -23.13
CA ALA D 174 -10.85 -10.97 -23.31
C ALA D 174 -10.60 -10.03 -22.09
N LEU D 175 -10.58 -10.59 -20.88
CA LEU D 175 -10.31 -9.76 -19.65
C LEU D 175 -8.93 -9.19 -19.77
N LEU D 176 -7.96 -10.07 -20.07
CA LEU D 176 -6.56 -9.65 -20.25
C LEU D 176 -6.43 -8.48 -21.22
N SER D 177 -7.02 -8.60 -22.40
CA SER D 177 -6.96 -7.52 -23.39
C SER D 177 -7.62 -6.19 -22.90
N MET D 178 -8.79 -6.29 -22.27
CA MET D 178 -9.45 -5.10 -21.69
C MET D 178 -8.57 -4.43 -20.59
N LEU D 179 -7.93 -5.26 -19.76
CA LEU D 179 -7.07 -4.74 -18.68
C LEU D 179 -5.86 -4.05 -19.24
N ALA D 180 -5.25 -4.66 -20.26
CA ALA D 180 -4.15 -4.02 -21.02
C ALA D 180 -4.55 -2.71 -21.65
N THR D 181 -5.71 -2.66 -22.31
CA THR D 181 -6.21 -1.38 -22.85
C THR D 181 -6.33 -0.27 -21.75
N ILE D 182 -6.81 -0.63 -20.56
CA ILE D 182 -6.90 0.34 -19.46
C ILE D 182 -5.51 0.84 -19.08
N ALA D 183 -4.64 -0.10 -18.79
CA ALA D 183 -3.24 0.21 -18.55
C ALA D 183 -2.68 1.11 -19.65
N ARG D 184 -2.92 0.76 -20.88
CA ARG D 184 -2.29 1.44 -21.98
C ARG D 184 -2.86 2.73 -22.36
N GLU D 185 -4.16 2.86 -22.34
CA GLU D 185 -4.78 4.10 -22.87
C GLU D 185 -5.64 4.92 -21.95
N PHE D 186 -6.00 4.40 -20.78
CA PHE D 186 -6.77 5.18 -19.86
C PHE D 186 -5.78 6.06 -19.17
C4 WCA E . 3.18 3.31 5.74
C5 WCA E . 4.46 3.00 5.30
C6 WCA E . 5.26 2.19 6.17
C8 WCA E . 3.47 4.27 3.74
N1 WCA E . 4.77 1.75 7.36
N3 WCA E . 2.75 2.84 6.97
CAV WCA E . -12.01 2.74 -6.93
CAT WCA E . -12.74 3.49 -7.86
CBS WCA E . -13.97 4.02 -7.57
OAJ WCA E . -14.68 4.73 -8.56
CAU WCA E . -14.52 3.76 -6.30
CAW WCA E . -13.83 3.03 -5.39
CBT WCA E . -12.56 2.50 -5.70
CAR WCA E . -11.71 1.71 -4.76
CAQ WCA E . -12.02 1.52 -3.46
CBP WCA E . -11.11 0.77 -2.49
OAD WCA E . -9.88 0.68 -2.66
SBO WCA E . -11.94 0.14 -1.02
CBA WCA E . -10.61 -0.45 0.05
CAY WCA E . -10.15 -1.88 -0.24
NBH WCA E . -8.72 -1.82 -0.31
CBQ WCA E . -7.82 -2.28 0.63
OAE WCA E . -8.12 -2.83 1.62
CBB WCA E . -6.41 -2.12 0.23
CAZ WCA E . -5.28 -2.15 1.25
NBI WCA E . -5.04 -0.75 1.37
CBR WCA E . -4.90 -0.16 2.60
OAF WCA E . -4.94 -0.83 3.63
CBX WCA E . -4.73 1.31 2.55
OAK WCA E . -3.71 1.62 3.38
CCD WCA E . -6.02 2.01 3.05
CAA WCA E . -7.22 1.58 2.22
CAB WCA E . -6.33 1.71 4.57
CBD WCA E . -5.86 3.56 2.92
OBK WCA E . -5.57 3.80 1.54
PCG WCA E . -5.56 5.32 1.02
OAP WCA E . -6.77 6.03 1.55
OAI WCA E . -5.38 5.30 -0.43
OBN WCA E . -4.45 6.18 1.71
PCF WCA E . -2.90 6.46 1.50
OAO WCA E . -2.51 6.15 0.03
OAH WCA E . -2.68 7.96 1.85
O5' WCA E . -2.16 5.42 2.50
C5' WCA E . -2.32 5.46 3.93
C4' WCA E . -1.09 4.78 4.70
O4' WCA E . 0.09 4.48 3.75
C3' WCA E . -0.59 5.55 5.72
O3' WCA E . -0.61 5.06 7.13
PCE WCA E . -1.10 3.69 7.89
OAM WCA E . -2.52 3.35 7.45
OAN WCA E . -1.06 3.89 9.40
OAG WCA E . -0.17 2.48 7.75
C2' WCA E . 1.03 5.76 5.29
O2' WCA E . 1.78 6.19 6.46
C1' WCA E . 1.23 4.59 4.93
N9 WCA E . 2.59 4.11 4.76
N7 WCA E . 4.62 3.60 4.07
C2 WCA E . 3.52 2.07 7.77
N6 WCA E . 6.59 1.83 5.77
C4 WCA F . 18.79 -25.35 2.62
C5 WCA F . 18.45 -26.46 3.39
C6 WCA F . 18.20 -27.68 2.71
C8 WCA F . 18.76 -24.74 4.76
N1 WCA F . 18.30 -27.75 1.36
N3 WCA F . 18.89 -25.48 1.24
CAV WCA F . 7.29 -23.91 13.59
CAT WCA F . 5.95 -23.66 13.83
CBS WCA F . 5.56 -22.63 14.71
OAJ WCA F . 4.21 -22.37 14.95
CAU WCA F . 6.51 -21.83 15.30
CAW WCA F . 7.84 -22.06 15.04
CBT WCA F . 8.24 -23.13 14.21
CAR WCA F . 9.70 -23.38 13.85
CAQ WCA F . 10.71 -22.75 14.52
CBP WCA F . 12.16 -22.91 14.11
OAD WCA F . 12.46 -23.52 13.12
SBO WCA F . 13.41 -22.00 15.06
CBA WCA F . 14.93 -22.33 14.17
CAY WCA F . 15.30 -23.75 14.56
NBH WCA F . 16.65 -24.04 14.13
CBQ WCA F . 16.78 -24.51 12.81
OAE WCA F . 15.80 -24.68 12.13
CBB WCA F . 18.04 -24.91 12.16
CAZ WCA F . 17.83 -24.82 10.62
NBI WCA F . 18.91 -24.05 10.33
CBR WCA F . 19.02 -22.97 9.55
OAF WCA F . 20.13 -22.58 9.64
CBX WCA F . 18.01 -22.26 8.71
OAK WCA F . 18.66 -22.03 7.53
CCD WCA F . 17.67 -20.90 9.31
CAA WCA F . 16.89 -21.06 10.62
CAB WCA F . 18.95 -20.08 9.71
CBD WCA F . 16.88 -20.04 8.29
OBK WCA F . 15.74 -20.83 7.90
PCG WCA F . 14.56 -20.14 7.02
OAP WCA F . 14.17 -18.95 7.78
OAI WCA F . 13.44 -21.14 6.79
OBN WCA F . 15.08 -19.47 5.71
PCF WCA F . 15.35 -20.17 4.30
OAO WCA F . 14.45 -21.38 4.09
OAH WCA F . 15.08 -19.09 3.26
O5' WCA F . 16.86 -20.66 4.39
C5' WCA F . 17.95 -19.73 4.34
C4' WCA F . 19.19 -20.53 3.79
O4' WCA F . 19.30 -21.94 4.37
C3' WCA F . 19.15 -20.73 2.48
O3' WCA F . 20.49 -20.60 2.01
PCE WCA F . 21.02 -19.37 1.17
OAM WCA F . 22.48 -19.49 0.85
OAN WCA F . 20.88 -18.06 1.98
OAG WCA F . 20.30 -19.54 -0.15
C2' WCA F . 18.55 -22.31 2.32
O2' WCA F . 18.48 -22.68 0.88
C1' WCA F . 19.33 -22.94 3.08
N9 WCA F . 18.97 -24.29 3.49
N7 WCA F . 18.44 -26.05 4.70
C2 WCA F . 18.66 -26.66 0.64
N6 WCA F . 17.84 -28.85 3.48
C4 WCA G . -16.77 25.13 2.01
C5 WCA G . -17.13 24.67 0.75
C6 WCA G . -18.39 25.08 0.22
C8 WCA G . -15.14 23.87 1.24
N1 WCA G . -19.21 25.87 0.95
N3 WCA G . -17.64 25.95 2.72
CAV WCA G . -0.43 28.22 -4.37
CAT WCA G . 0.38 27.67 -5.33
CBS WCA G . 1.64 27.26 -5.01
OAJ WCA G . 2.44 26.72 -6.00
CAU WCA G . 2.10 27.35 -3.71
CAW WCA G . 1.31 27.89 -2.73
CBT WCA G . 0.03 28.35 -3.08
CAR WCA G . -0.93 28.93 -2.13
CAQ WCA G . -0.70 29.00 -0.82
CBP WCA G . -1.74 29.52 0.12
OAD WCA G . -2.88 29.57 -0.18
SBO WCA G . -1.20 29.92 1.78
CBA WCA G . -2.69 30.33 2.70
CAY WCA G . -3.01 31.72 2.25
NBH WCA G . -4.03 32.21 3.11
CBQ WCA G . -5.42 31.98 2.87
OAE WCA G . -5.77 31.37 1.90
CBB WCA G . -6.43 32.53 3.84
CAZ WCA G . -7.95 32.09 3.78
NBI WCA G . -8.08 30.65 3.57
CBR WCA G . -8.52 29.81 4.60
OAF WCA G . -8.80 30.27 5.69
CBX WCA G . -8.60 28.34 4.29
OAK WCA G . -9.79 27.86 4.81
CCD WCA G . -7.39 27.55 4.85
CAA WCA G . -6.12 28.17 4.31
CAB WCA G . -7.30 27.46 6.42
CBD WCA G . -7.47 26.04 4.42
OBK WCA G . -7.54 26.03 2.99
PCG WCA G . -7.51 24.62 2.29
OAP WCA G . -6.28 23.88 2.78
OAI WCA G . -7.49 24.88 0.78
OBN WCA G . -8.66 23.68 2.88
PCF WCA G . -10.18 23.55 2.38
OAO WCA G . -10.32 24.27 1.04
OAH WCA G . -10.46 22.07 2.29
O5' WCA G . -11.15 24.04 3.57
C5' WCA G . -11.25 25.38 4.10
C4' WCA G . -12.73 25.61 4.62
O4' WCA G . -13.63 25.97 3.45
C3' WCA G . -13.29 24.53 5.20
O3' WCA G . -14.06 24.85 6.37
PCE WCA G . -14.26 23.81 7.56
OAM WCA G . -14.74 22.49 7.01
OAN WCA G . -15.39 24.31 8.48
OAG WCA G . -12.98 23.67 8.36
C2' WCA G . -14.30 23.88 4.03
O2' WCA G . -15.32 22.91 4.54
C1' WCA G . -14.85 24.89 3.55
N9 WCA G . -15.53 24.62 2.29
N7 WCA G . -16.09 23.90 0.29
C2 WCA G . -18.84 26.30 2.19
N6 WCA G . -18.78 24.62 -1.09
C4 WCA H . 2.24 -1.54 5.31
C5 WCA H . 1.16 -2.41 5.23
C6 WCA H . 0.22 -2.42 6.31
C8 WCA H . 2.39 -2.70 3.40
N1 WCA H . 0.41 -1.58 7.36
N3 WCA H . 2.40 -0.71 6.42
CAV WCA H . 0.49 -10.17 -9.94
CAT WCA H . 0.31 -11.48 -10.32
CBS WCA H . 1.21 -12.10 -11.18
OAJ WCA H . 1.03 -13.43 -11.60
CAU WCA H . 2.30 -11.41 -11.61
CAW WCA H . 2.49 -10.10 -11.24
CBT WCA H . 1.58 -9.47 -10.39
CAR WCA H . 1.75 -8.05 -9.93
CAQ WCA H . 2.95 -7.41 -10.09
CBP WCA H . 3.15 -6.01 -9.61
OAD WCA H . 2.40 -5.56 -8.78
SBO WCA H . 4.49 -5.02 -10.27
CBA WCA H . 4.57 -3.52 -9.26
CAY WCA H . 3.35 -2.67 -9.64
NBH WCA H . 3.51 -1.34 -9.05
CBQ WCA H . 3.04 -1.05 -7.77
OAE WCA H . 2.47 -1.92 -7.19
CBB WCA H . 3.22 0.31 -7.13
CAZ WCA H . 2.64 0.54 -5.71
NBI WCA H . 3.15 -0.48 -4.82
CBR WCA H . 4.33 -0.29 -4.06
OAF WCA H . 4.99 0.70 -4.12
CBX WCA H . 4.83 -1.41 -3.14
OAK WCA H . 5.16 -0.89 -1.90
CCD WCA H . 6.10 -2.10 -3.71
CAA WCA H . 5.76 -2.63 -5.11
CAB WCA H . 7.36 -1.16 -3.69
CBD WCA H . 6.52 -3.26 -2.79
OBK WCA H . 5.36 -4.11 -2.70
PCG WCA H . 5.54 -5.48 -1.94
OAP WCA H . 6.62 -6.17 -2.73
OAI WCA H . 4.23 -6.23 -2.08
OBN WCA H . 6.02 -5.25 -0.45
PCF WCA H . 5.06 -4.86 0.77
OAO WCA H . 3.60 -5.06 0.36
OAH WCA H . 5.42 -5.69 1.99
O5' WCA H . 5.18 -3.28 1.05
C5' WCA H . 6.39 -2.55 1.36
C4' WCA H . 6.07 -1.24 2.23
O4' WCA H . 4.57 -0.92 2.27
C3' WCA H . 6.48 -1.37 3.51
O3' WCA H . 7.09 -0.22 4.10
PCE WCA H . 8.65 0.09 3.93
OAM WCA H . 8.91 0.91 2.65
OAN WCA H . 9.45 -1.20 3.83
OAG WCA H . 9.10 0.82 5.19
C2' WCA H . 5.13 -1.73 4.41
O2' WCA H . 5.36 -1.45 5.87
C1' WCA H . 4.22 -1.04 3.88
N9 WCA H . 2.98 -1.74 4.16
N7 WCA H . 1.28 -3.11 4.04
C2 WCA H . 1.49 -0.73 7.42
N6 WCA H . -0.92 -3.33 6.22
#